data_4ORB
#
_entry.id   4ORB
#
_cell.length_a   48.865
_cell.length_b   107.466
_cell.length_c   175.823
_cell.angle_alpha   90.00
_cell.angle_beta   90.00
_cell.angle_gamma   90.00
#
_symmetry.space_group_name_H-M   'P 21 21 21'
#
loop_
_entity.id
_entity.type
_entity.pdbx_description
1 polymer 'Serine/threonine-protein phosphatase 2B catalytic subunit alpha isoform'
2 polymer 'Calcineurin subunit B type 1'
3 non-polymer 'ZINC ION'
4 non-polymer 'FE (III) ION'
5 non-polymer 'CALCIUM ION'
6 water water
#
loop_
_entity_poly.entity_id
_entity_poly.type
_entity_poly.pdbx_seq_one_letter_code
_entity_poly.pdbx_strand_id
1 'polypeptide(L)'
;MSEPKAIDPKLSTTDRVVKAVPFPPSHRLTAKEVFDNDGKPRVDILKAHLMKEGRLEESVALRIITEGASILRQEKNLLD
IDAPVTVCGDIHGQFFDLMKLFEVGGSPANTRYLFLGDYVDRGYFSIECVLYLWALKILYPKTLFLLRGNHECRHLTEYF
TFKQECKIKYSERVYDACMDAFDCLPLAALMNQQFLCVHGGLSPEINTLDDIRKLDRFKEPPAYGPMCDILWSDPLEDFG
NEKTQEHFTHNTVRGCSYFYSYPAVCDFLQHNNLLSILRAHEAQDAGYRMYRKSQTTGFPSLITIFSAPNYLDVYNNKAA
VLKYENNVMNIRQFNCSPHPYWLPNFMDVFTWSLPFVGEKVTEMLVNVLNICSDDELGSEEDGFDGATAAARKEVIRNKI
RAIGKMARVFSVLREESESVLTLKGLTPTGMLPSGVLSGGKQTLQSAIKGFSPQHKITSFEEAKGLDRINERMPPRRDAM
PSDANLNSINKALASETNGTDSNGSNSSNIQLEHHHHHH
;
A
2 'polypeptide(L)'
;MGNEASYPLEMCSHFDADEIKRLGKRFKKLDLDNSGSLSVEEFMSLPELQQNPLVQRVIDIFDTDGNGEVDFKEFIEGVS
QFSVKGDKEQKLRFAFRIYDMDKDGYISNGELFQVLKMMVGNNLKDTQLQQIVDKTIINADKDGDGRISFEEFCAVVGGL
DIHKKMVVDV
;
B
#
loop_
_chem_comp.id
_chem_comp.type
_chem_comp.name
_chem_comp.formula
CA non-polymer 'CALCIUM ION' 'Ca 2'
FE non-polymer 'FE (III) ION' 'Fe 3'
ZN non-polymer 'ZINC ION' 'Zn 2'
#
# COMPACT_ATOMS: atom_id res chain seq x y z
N THR A 14 6.13 1.39 -26.61
CA THR A 14 6.93 0.93 -27.74
C THR A 14 7.88 -0.19 -27.32
N ASP A 15 8.65 0.06 -26.26
CA ASP A 15 9.56 -0.94 -25.71
C ASP A 15 8.78 -1.91 -24.82
N ARG A 16 7.69 -1.41 -24.23
CA ARG A 16 6.83 -2.13 -23.30
C ARG A 16 6.61 -3.61 -23.64
N VAL A 17 6.48 -4.43 -22.60
CA VAL A 17 6.43 -5.88 -22.79
C VAL A 17 5.01 -6.43 -22.77
N VAL A 18 4.28 -6.08 -21.71
CA VAL A 18 2.90 -6.50 -21.53
C VAL A 18 1.99 -5.33 -21.92
N LYS A 19 1.87 -5.11 -23.21
CA LYS A 19 1.21 -3.92 -23.74
C LYS A 19 -0.29 -3.91 -23.44
N ALA A 20 -0.83 -5.11 -23.23
CA ALA A 20 -2.22 -5.30 -22.76
C ALA A 20 -2.52 -4.43 -21.54
N VAL A 21 -1.61 -4.47 -20.59
CA VAL A 21 -1.75 -3.73 -19.34
C VAL A 21 -1.78 -2.21 -19.57
N PRO A 22 -2.75 -1.53 -18.94
CA PRO A 22 -2.95 -0.07 -19.01
C PRO A 22 -1.80 0.75 -18.42
N PHE A 23 -1.32 1.74 -19.16
CA PHE A 23 -0.31 2.65 -18.63
C PHE A 23 -0.96 3.83 -17.92
N PRO A 24 -0.48 4.13 -16.70
CA PRO A 24 -1.08 5.19 -15.87
C PRO A 24 -0.85 6.60 -16.41
N PRO A 25 -1.92 7.40 -16.47
CA PRO A 25 -1.86 8.84 -16.76
C PRO A 25 -0.66 9.48 -16.09
N SER A 26 0.19 10.10 -16.89
CA SER A 26 1.31 10.85 -16.34
C SER A 26 0.81 12.27 -16.08
N HIS A 27 -0.37 12.54 -16.63
CA HIS A 27 -1.07 13.81 -16.38
C HIS A 27 -1.61 13.96 -14.96
N ARG A 28 -1.57 15.19 -14.44
CA ARG A 28 -2.15 15.46 -13.14
C ARG A 28 -3.30 16.45 -13.30
N LEU A 29 -4.51 16.00 -12.96
CA LEU A 29 -5.73 16.80 -13.09
C LEU A 29 -5.66 18.18 -12.47
N THR A 30 -6.21 19.15 -13.17
CA THR A 30 -6.10 20.54 -12.78
C THR A 30 -7.40 20.99 -12.17
N ALA A 31 -7.40 22.20 -11.61
CA ALA A 31 -8.57 22.74 -10.95
C ALA A 31 -9.74 22.81 -11.90
N LYS A 32 -9.49 23.18 -13.15
CA LYS A 32 -10.63 23.29 -14.06
C LYS A 32 -11.20 21.93 -14.45
N GLU A 33 -10.41 20.88 -14.35
CA GLU A 33 -10.90 19.56 -14.70
C GLU A 33 -11.60 18.92 -13.52
N VAL A 34 -11.44 19.50 -12.35
CA VAL A 34 -11.98 18.86 -11.15
C VAL A 34 -13.19 19.61 -10.58
N PHE A 35 -13.24 20.92 -10.77
CA PHE A 35 -14.39 21.70 -10.31
C PHE A 35 -15.01 22.41 -11.47
N ASP A 36 -16.32 22.34 -11.58
CA ASP A 36 -17.02 23.12 -12.59
C ASP A 36 -17.19 24.54 -12.08
N ASN A 37 -17.99 25.32 -12.79
CA ASN A 37 -18.10 26.76 -12.57
C ASN A 37 -18.83 27.14 -11.32
N ASP A 38 -19.63 26.22 -10.80
CA ASP A 38 -20.37 26.48 -9.57
C ASP A 38 -19.55 26.04 -8.38
N GLY A 39 -18.46 25.34 -8.66
CA GLY A 39 -17.55 24.86 -7.65
C GLY A 39 -17.73 23.39 -7.39
N LYS A 40 -18.76 22.79 -8.00
CA LYS A 40 -19.07 21.37 -7.81
C LYS A 40 -17.95 20.51 -8.39
N PRO A 41 -17.58 19.44 -7.67
CA PRO A 41 -16.63 18.47 -8.19
C PRO A 41 -17.13 17.72 -9.43
N ARG A 42 -16.18 17.33 -10.25
CA ARG A 42 -16.49 16.58 -11.44
C ARG A 42 -16.16 15.10 -11.18
N VAL A 43 -17.03 14.43 -10.45
CA VAL A 43 -16.71 13.08 -9.95
C VAL A 43 -16.50 12.02 -11.03
N ASP A 44 -17.22 12.15 -12.14
CA ASP A 44 -17.14 11.15 -13.18
C ASP A 44 -15.74 11.19 -13.78
N ILE A 45 -15.29 12.41 -14.02
CA ILE A 45 -13.92 12.69 -14.43
C ILE A 45 -13.00 12.22 -13.34
N LEU A 46 -13.37 12.53 -12.10
CA LEU A 46 -12.47 12.21 -11.00
C LEU A 46 -12.33 10.70 -10.76
N LYS A 47 -13.46 9.99 -10.70
CA LYS A 47 -13.46 8.55 -10.54
C LYS A 47 -12.60 7.83 -11.60
N ALA A 48 -12.68 8.31 -12.84
CA ALA A 48 -11.99 7.68 -13.96
C ALA A 48 -10.50 7.85 -13.90
N HIS A 49 -10.06 9.08 -13.61
CA HIS A 49 -8.64 9.37 -13.48
C HIS A 49 -8.07 8.48 -12.41
N LEU A 50 -8.74 8.45 -11.29
CA LEU A 50 -8.25 7.70 -10.16
C LEU A 50 -8.16 6.22 -10.46
N MET A 51 -9.15 5.69 -11.15
CA MET A 51 -9.12 4.28 -11.50
C MET A 51 -8.00 3.92 -12.44
N LYS A 52 -7.54 4.89 -13.21
CA LYS A 52 -6.41 4.65 -14.10
C LYS A 52 -5.12 4.93 -13.36
N GLU A 53 -5.24 5.11 -12.04
CA GLU A 53 -4.11 5.45 -11.18
C GLU A 53 -3.51 6.78 -11.56
N GLY A 54 -4.38 7.76 -11.79
CA GLY A 54 -3.91 9.10 -12.12
C GLY A 54 -3.80 9.92 -10.86
N ARG A 55 -3.05 11.02 -10.92
CA ARG A 55 -2.94 11.88 -9.76
C ARG A 55 -3.50 13.26 -10.08
N LEU A 56 -3.73 14.05 -9.05
CA LEU A 56 -4.18 15.41 -9.25
C LEU A 56 -2.99 16.29 -9.09
N GLU A 57 -3.12 17.57 -9.42
CA GLU A 57 -2.11 18.50 -9.01
C GLU A 57 -2.22 18.54 -7.50
N GLU A 58 -1.10 18.69 -6.82
CA GLU A 58 -1.11 18.75 -5.37
C GLU A 58 -2.09 19.80 -4.84
N SER A 59 -2.05 21.00 -5.41
CA SER A 59 -2.97 22.06 -5.00
C SER A 59 -4.45 21.65 -5.14
N VAL A 60 -4.78 20.88 -6.17
CA VAL A 60 -6.16 20.49 -6.36
C VAL A 60 -6.54 19.47 -5.29
N ALA A 61 -5.63 18.56 -5.02
CA ALA A 61 -5.81 17.59 -3.94
C ALA A 61 -6.06 18.33 -2.63
N LEU A 62 -5.22 19.33 -2.36
CA LEU A 62 -5.33 20.10 -1.12
C LEU A 62 -6.67 20.78 -1.01
N ARG A 63 -7.11 21.38 -2.11
CA ARG A 63 -8.41 22.01 -2.15
C ARG A 63 -9.51 21.03 -1.73
N ILE A 64 -9.48 19.81 -2.26
CA ILE A 64 -10.53 18.83 -1.98
C ILE A 64 -10.58 18.42 -0.52
N ILE A 65 -9.40 18.15 0.03
CA ILE A 65 -9.28 17.74 1.40
C ILE A 65 -9.79 18.86 2.30
N THR A 66 -9.38 20.09 2.01
CA THR A 66 -9.76 21.20 2.88
C THR A 66 -11.20 21.66 2.72
N GLU A 67 -11.73 21.60 1.50
CA GLU A 67 -13.09 22.04 1.30
C GLU A 67 -14.00 21.04 2.01
N GLY A 68 -13.61 19.76 1.96
CA GLY A 68 -14.35 18.72 2.64
C GLY A 68 -14.27 18.88 4.15
N ALA A 69 -13.09 19.23 4.64
CA ALA A 69 -12.87 19.38 6.08
C ALA A 69 -13.71 20.51 6.64
N SER A 70 -13.85 21.59 5.89
CA SER A 70 -14.62 22.72 6.40
C SER A 70 -16.11 22.37 6.53
N ILE A 71 -16.56 21.42 5.72
CA ILE A 71 -17.93 20.92 5.87
C ILE A 71 -18.07 20.09 7.15
N LEU A 72 -17.23 19.07 7.28
CA LEU A 72 -17.17 18.23 8.46
C LEU A 72 -17.07 19.04 9.77
N ARG A 73 -16.24 20.07 9.75
CA ARG A 73 -16.05 20.94 10.92
C ARG A 73 -17.36 21.53 11.43
N GLN A 74 -18.37 21.60 10.57
CA GLN A 74 -19.62 22.26 10.89
C GLN A 74 -20.71 21.26 11.30
N GLU A 75 -20.36 19.97 11.20
CA GLU A 75 -21.27 18.89 11.56
C GLU A 75 -21.19 18.59 13.07
N LYS A 76 -22.26 18.05 13.64
CA LYS A 76 -22.28 17.71 15.06
C LYS A 76 -21.50 16.44 15.28
N ASN A 77 -21.15 16.19 16.53
CA ASN A 77 -20.48 14.95 16.92
C ASN A 77 -21.35 13.76 16.54
N LEU A 78 -22.64 13.92 16.73
CA LEU A 78 -23.60 12.84 16.56
C LEU A 78 -24.61 13.25 15.52
N LEU A 79 -24.45 12.74 14.33
CA LEU A 79 -25.33 13.13 13.23
C LEU A 79 -26.75 12.59 13.38
N ASP A 80 -27.73 13.32 12.86
CA ASP A 80 -29.10 12.82 12.78
C ASP A 80 -29.49 12.42 11.37
N ILE A 81 -29.57 11.12 11.12
CA ILE A 81 -29.70 10.61 9.78
C ILE A 81 -30.99 9.83 9.51
N ASP A 82 -31.67 10.23 8.43
CA ASP A 82 -32.96 9.71 8.02
C ASP A 82 -32.75 8.48 7.14
N ALA A 83 -33.68 7.53 7.24
CA ALA A 83 -33.75 6.43 6.30
C ALA A 83 -34.58 6.89 5.12
N PRO A 84 -34.39 6.29 3.94
CA PRO A 84 -33.57 5.14 3.57
C PRO A 84 -32.08 5.48 3.55
N VAL A 85 -31.26 4.51 3.91
CA VAL A 85 -29.84 4.77 3.91
C VAL A 85 -29.09 3.48 3.72
N THR A 86 -27.94 3.58 3.07
CA THR A 86 -27.02 2.48 2.89
C THR A 86 -25.88 2.73 3.84
N VAL A 87 -25.61 1.80 4.74
CA VAL A 87 -24.56 2.01 5.73
C VAL A 87 -23.36 1.11 5.47
N CYS A 88 -22.14 1.62 5.68
CA CYS A 88 -20.96 0.87 5.29
C CYS A 88 -19.89 0.74 6.36
N GLY A 89 -19.14 -0.37 6.30
CA GLY A 89 -18.06 -0.64 7.24
C GLY A 89 -16.69 -0.23 6.73
N ASP A 90 -15.67 -0.95 7.19
CA ASP A 90 -14.28 -0.65 6.91
C ASP A 90 -13.98 -0.63 5.43
N ILE A 91 -13.12 0.29 5.02
CA ILE A 91 -12.72 0.46 3.62
C ILE A 91 -11.25 0.14 3.40
N HIS A 92 -10.42 0.69 4.27
CA HIS A 92 -9.03 0.36 4.35
C HIS A 92 -8.30 0.42 3.03
N GLY A 93 -8.36 1.58 2.39
CA GLY A 93 -7.64 1.80 1.16
C GLY A 93 -8.01 0.91 -0.02
N GLN A 94 -9.06 0.11 0.06
CA GLN A 94 -9.40 -0.80 -1.04
C GLN A 94 -10.23 -0.11 -2.12
N PHE A 95 -9.66 0.92 -2.72
CA PHE A 95 -10.37 1.80 -3.64
C PHE A 95 -11.14 1.08 -4.73
N PHE A 96 -10.61 -0.01 -5.21
CA PHE A 96 -11.25 -0.66 -6.34
C PHE A 96 -12.46 -1.46 -5.91
N ASP A 97 -12.54 -1.73 -4.61
CA ASP A 97 -13.71 -2.40 -4.08
C ASP A 97 -14.74 -1.34 -3.75
N LEU A 98 -14.26 -0.21 -3.28
CA LEU A 98 -15.08 0.98 -3.07
C LEU A 98 -15.88 1.30 -4.32
N MET A 99 -15.26 1.18 -5.48
CA MET A 99 -15.99 1.36 -6.74
C MET A 99 -17.13 0.38 -6.83
N LYS A 100 -16.84 -0.90 -6.67
CA LYS A 100 -17.88 -1.93 -6.67
C LYS A 100 -18.97 -1.62 -5.68
N LEU A 101 -18.59 -1.10 -4.53
CA LEU A 101 -19.54 -0.78 -3.49
C LEU A 101 -20.64 0.19 -3.93
N PHE A 102 -20.25 1.33 -4.50
CA PHE A 102 -21.26 2.26 -4.96
C PHE A 102 -22.13 1.67 -6.04
N GLU A 103 -21.60 0.72 -6.79
CA GLU A 103 -22.41 0.01 -7.73
C GLU A 103 -23.49 -0.75 -6.98
N VAL A 104 -23.08 -1.45 -5.94
CA VAL A 104 -24.03 -2.29 -5.22
C VAL A 104 -25.00 -1.48 -4.36
N GLY A 105 -24.47 -0.52 -3.60
CA GLY A 105 -25.31 0.31 -2.74
C GLY A 105 -26.09 1.39 -3.48
N GLY A 106 -25.69 1.71 -4.70
CA GLY A 106 -26.41 2.69 -5.47
C GLY A 106 -25.64 3.97 -5.65
N SER A 107 -26.11 4.80 -6.58
CA SER A 107 -25.47 6.06 -6.86
C SER A 107 -25.75 7.07 -5.76
N PRO A 108 -24.68 7.71 -5.26
CA PRO A 108 -24.69 8.80 -4.27
C PRO A 108 -25.60 9.92 -4.74
N ALA A 109 -25.71 10.04 -6.05
CA ALA A 109 -26.66 10.97 -6.64
C ALA A 109 -28.07 10.74 -6.09
N ASN A 110 -28.50 9.48 -6.01
CA ASN A 110 -29.84 9.19 -5.52
C ASN A 110 -29.90 8.25 -4.32
N THR A 111 -28.78 8.12 -3.61
CA THR A 111 -28.73 7.25 -2.43
C THR A 111 -28.16 8.01 -1.24
N ARG A 112 -28.75 7.85 -0.06
CA ARG A 112 -28.13 8.39 1.13
C ARG A 112 -27.13 7.40 1.75
N TYR A 113 -25.90 7.82 1.97
CA TYR A 113 -24.88 6.92 2.48
C TYR A 113 -24.37 7.33 3.84
N LEU A 114 -23.96 6.34 4.63
CA LEU A 114 -23.27 6.59 5.87
C LEU A 114 -22.07 5.66 5.97
N PHE A 115 -20.88 6.22 6.13
CA PHE A 115 -19.69 5.39 6.27
C PHE A 115 -19.20 5.41 7.72
N LEU A 116 -18.93 4.23 8.25
CA LEU A 116 -18.56 4.12 9.66
C LEU A 116 -17.05 4.25 9.94
N GLY A 117 -16.33 4.87 9.02
CA GLY A 117 -14.90 5.11 9.20
C GLY A 117 -13.99 3.99 8.73
N ASP A 118 -12.70 4.19 8.97
CA ASP A 118 -11.61 3.32 8.54
C ASP A 118 -11.45 3.27 7.04
N TYR A 119 -11.10 4.44 6.50
CA TYR A 119 -10.99 4.66 5.07
C TYR A 119 -9.58 4.32 4.58
N VAL A 120 -8.60 4.53 5.45
CA VAL A 120 -7.18 4.39 5.12
C VAL A 120 -6.49 3.21 5.81
N ASP A 121 -5.20 3.06 5.49
CA ASP A 121 -4.31 2.01 5.99
C ASP A 121 -4.64 0.64 5.43
N ARG A 122 -3.68 -0.29 5.52
CA ARG A 122 -3.79 -1.66 5.00
C ARG A 122 -4.01 -1.78 3.48
N GLY A 123 -4.72 -0.84 2.89
CA GLY A 123 -4.90 -0.81 1.45
C GLY A 123 -3.96 0.21 0.84
N TYR A 124 -3.48 -0.09 -0.36
CA TYR A 124 -2.48 0.75 -0.97
C TYR A 124 -3.08 1.86 -1.79
N PHE A 125 -4.40 2.02 -1.65
CA PHE A 125 -5.15 3.07 -2.34
C PHE A 125 -5.97 3.95 -1.41
N SER A 126 -5.45 4.15 -0.21
CA SER A 126 -6.11 4.91 0.83
C SER A 126 -6.29 6.36 0.41
N ILE A 127 -5.27 6.93 -0.21
CA ILE A 127 -5.36 8.33 -0.62
C ILE A 127 -6.42 8.54 -1.69
N GLU A 128 -6.63 7.53 -2.53
CA GLU A 128 -7.65 7.62 -3.57
C GLU A 128 -9.01 7.57 -2.92
N CYS A 129 -9.21 6.65 -1.99
CA CYS A 129 -10.47 6.59 -1.29
C CYS A 129 -10.82 7.91 -0.64
N VAL A 130 -9.85 8.48 0.08
CA VAL A 130 -10.07 9.73 0.79
C VAL A 130 -10.47 10.85 -0.17
N LEU A 131 -9.67 10.98 -1.22
CA LEU A 131 -9.94 11.95 -2.27
C LEU A 131 -11.36 11.83 -2.82
N TYR A 132 -11.70 10.63 -3.29
CA TYR A 132 -13.00 10.41 -3.87
C TYR A 132 -14.09 10.66 -2.85
N LEU A 133 -13.86 10.21 -1.63
CA LEU A 133 -14.84 10.42 -0.58
C LEU A 133 -15.08 11.89 -0.25
N TRP A 134 -14.01 12.62 0.07
CA TRP A 134 -14.11 14.06 0.26
C TRP A 134 -14.77 14.74 -0.93
N ALA A 135 -14.43 14.29 -2.13
CA ALA A 135 -15.03 14.87 -3.31
C ALA A 135 -16.54 14.73 -3.22
N LEU A 136 -16.99 13.50 -2.99
CA LEU A 136 -18.42 13.24 -2.84
C LEU A 136 -19.11 14.02 -1.70
N LYS A 137 -18.44 14.14 -0.56
CA LYS A 137 -18.97 14.89 0.57
C LYS A 137 -19.31 16.31 0.18
N ILE A 138 -18.38 16.94 -0.53
CA ILE A 138 -18.52 18.33 -0.97
C ILE A 138 -19.74 18.42 -1.87
N LEU A 139 -19.92 17.41 -2.71
CA LEU A 139 -20.96 17.45 -3.72
C LEU A 139 -22.31 17.19 -3.08
N TYR A 140 -22.30 16.27 -2.12
CA TYR A 140 -23.51 15.82 -1.48
C TYR A 140 -23.38 16.02 0.00
N PRO A 141 -23.34 17.30 0.41
CA PRO A 141 -23.06 17.58 1.82
C PRO A 141 -24.11 17.02 2.77
N LYS A 142 -25.34 16.87 2.31
CA LYS A 142 -26.38 16.48 3.24
C LYS A 142 -26.93 15.09 2.98
N THR A 143 -26.33 14.34 2.07
CA THR A 143 -26.80 12.98 1.80
C THR A 143 -25.70 11.94 1.86
N LEU A 144 -24.45 12.39 1.87
CA LEU A 144 -23.36 11.48 2.12
C LEU A 144 -22.67 11.84 3.44
N PHE A 145 -22.54 10.83 4.29
CA PHE A 145 -22.01 11.04 5.63
C PHE A 145 -20.84 10.13 5.97
N LEU A 146 -19.83 10.74 6.58
CA LEU A 146 -18.63 10.04 6.93
C LEU A 146 -18.41 10.19 8.41
N LEU A 147 -18.02 9.09 9.05
CA LEU A 147 -17.68 9.09 10.47
C LEU A 147 -16.22 8.70 10.64
N ARG A 148 -15.78 8.62 11.89
CA ARG A 148 -14.37 8.36 12.17
C ARG A 148 -14.13 6.93 12.63
N GLY A 149 -13.19 6.25 11.96
CA GLY A 149 -12.70 4.95 12.37
C GLY A 149 -11.46 5.11 13.22
N ASN A 150 -10.89 4.00 13.69
CA ASN A 150 -9.73 4.11 14.58
C ASN A 150 -8.52 4.51 13.78
N HIS A 151 -8.55 4.25 12.49
CA HIS A 151 -7.37 4.53 11.69
C HIS A 151 -7.27 6.01 11.31
N GLU A 152 -8.36 6.75 11.44
CA GLU A 152 -8.33 8.16 11.10
C GLU A 152 -7.69 8.96 12.21
N CYS A 153 -6.36 8.95 12.23
CA CYS A 153 -5.60 9.64 13.24
C CYS A 153 -4.15 9.55 12.82
N ARG A 154 -3.30 10.27 13.54
CA ARG A 154 -1.89 10.34 13.19
C ARG A 154 -1.20 9.07 13.63
N HIS A 155 -1.49 8.66 14.85
CA HIS A 155 -0.79 7.55 15.44
C HIS A 155 -0.74 6.32 14.53
N LEU A 156 -1.87 5.92 13.99
CA LEU A 156 -1.93 4.69 13.22
C LEU A 156 -1.39 4.82 11.80
N THR A 157 -1.70 5.93 11.15
CA THR A 157 -1.19 6.28 9.83
C THR A 157 0.34 6.43 9.80
N GLU A 158 0.89 7.03 10.84
CA GLU A 158 2.33 7.03 11.13
C GLU A 158 2.85 5.61 11.09
N TYR A 159 2.14 4.72 11.78
CA TYR A 159 2.56 3.34 11.99
C TYR A 159 2.36 2.47 10.78
N PHE A 160 1.28 2.74 10.05
CA PHE A 160 1.03 2.02 8.83
C PHE A 160 1.43 2.85 7.61
N THR A 161 0.78 2.54 6.50
CA THR A 161 1.27 2.91 5.19
C THR A 161 0.74 4.23 4.70
N PHE A 162 -0.24 4.76 5.40
CA PHE A 162 -0.91 5.94 4.87
C PHE A 162 0.00 7.14 4.80
N LYS A 163 0.71 7.41 5.89
CA LYS A 163 1.69 8.48 5.88
C LYS A 163 2.65 8.27 4.73
N GLN A 164 3.18 7.06 4.62
CA GLN A 164 4.06 6.72 3.51
C GLN A 164 3.43 6.87 2.11
N GLU A 165 2.21 6.35 1.95
CA GLU A 165 1.46 6.48 0.70
C GLU A 165 1.40 7.95 0.34
N CYS A 166 1.12 8.81 1.32
CA CYS A 166 0.98 10.22 1.01
C CYS A 166 2.21 10.87 0.43
N LYS A 167 3.36 10.59 1.03
CA LYS A 167 4.65 11.12 0.56
C LYS A 167 5.02 10.66 -0.84
N ILE A 168 4.82 9.39 -1.14
CA ILE A 168 5.19 8.88 -2.43
C ILE A 168 4.34 9.56 -3.51
N LYS A 169 3.03 9.42 -3.38
CA LYS A 169 2.14 9.90 -4.42
C LYS A 169 1.99 11.41 -4.42
N TYR A 170 1.98 12.02 -3.23
CA TYR A 170 1.81 13.45 -3.17
C TYR A 170 2.90 14.04 -2.35
N SER A 171 2.56 14.58 -1.19
CA SER A 171 3.54 15.16 -0.31
C SER A 171 3.15 14.90 1.14
N GLU A 172 4.02 15.27 2.07
CA GLU A 172 3.71 15.15 3.48
C GLU A 172 2.76 16.27 3.81
N ARG A 173 2.90 17.38 3.08
CA ARG A 173 2.09 18.55 3.27
C ARG A 173 0.62 18.19 3.10
N VAL A 174 0.39 17.14 2.31
CA VAL A 174 -0.96 16.63 2.04
C VAL A 174 -1.41 15.68 3.14
N TYR A 175 -0.50 14.82 3.57
CA TYR A 175 -0.76 13.97 4.71
C TYR A 175 -1.23 14.78 5.93
N ASP A 176 -0.59 15.91 6.16
CA ASP A 176 -0.95 16.78 7.28
C ASP A 176 -2.35 17.34 7.10
N ALA A 177 -2.66 17.70 5.87
CA ALA A 177 -3.95 18.28 5.55
C ALA A 177 -5.03 17.25 5.81
N CYS A 178 -4.68 16.00 5.56
CA CYS A 178 -5.52 14.87 5.87
C CYS A 178 -5.69 14.68 7.36
N MET A 179 -4.63 14.89 8.13
CA MET A 179 -4.71 14.68 9.57
C MET A 179 -5.65 15.69 10.19
N ASP A 180 -5.57 16.93 9.71
CA ASP A 180 -6.46 17.97 10.16
C ASP A 180 -7.90 17.70 9.74
N ALA A 181 -8.09 17.22 8.51
CA ALA A 181 -9.44 16.83 8.06
C ALA A 181 -10.05 15.73 8.89
N PHE A 182 -9.22 14.82 9.40
CA PHE A 182 -9.72 13.71 10.19
C PHE A 182 -10.26 14.16 11.53
N ASP A 183 -9.60 15.14 12.15
CA ASP A 183 -10.07 15.67 13.42
C ASP A 183 -11.50 16.21 13.35
N CYS A 184 -11.99 16.45 12.13
CA CYS A 184 -13.30 17.06 11.94
C CYS A 184 -14.38 16.00 11.81
N LEU A 185 -13.98 14.78 11.47
CA LEU A 185 -14.90 13.65 11.35
C LEU A 185 -15.78 13.43 12.58
N PRO A 186 -17.11 13.41 12.37
CA PRO A 186 -18.08 13.12 13.44
C PRO A 186 -17.81 11.75 14.02
N LEU A 187 -18.34 11.52 15.22
CA LEU A 187 -18.00 10.30 15.94
C LEU A 187 -19.06 9.21 15.83
N ALA A 188 -20.32 9.63 15.71
CA ALA A 188 -21.46 8.71 15.72
C ALA A 188 -22.64 9.26 14.95
N ALA A 189 -23.49 8.37 14.45
CA ALA A 189 -24.76 8.82 13.90
C ALA A 189 -25.93 8.22 14.65
N LEU A 190 -27.05 8.94 14.62
CA LEU A 190 -28.31 8.43 15.14
C LEU A 190 -29.28 8.18 13.98
N MET A 191 -29.38 6.92 13.56
CA MET A 191 -30.07 6.62 12.33
C MET A 191 -31.56 6.28 12.47
N ASN A 192 -32.38 7.10 11.82
CA ASN A 192 -33.82 6.96 11.82
C ASN A 192 -34.40 6.92 13.23
N GLN A 193 -33.66 7.49 14.18
CA GLN A 193 -34.05 7.48 15.58
C GLN A 193 -34.20 6.08 16.16
N GLN A 194 -33.39 5.15 15.67
CA GLN A 194 -33.47 3.77 16.11
C GLN A 194 -32.10 3.18 16.30
N PHE A 195 -31.15 3.65 15.50
CA PHE A 195 -29.84 3.05 15.53
C PHE A 195 -28.75 4.01 15.90
N LEU A 196 -27.95 3.60 16.87
CA LEU A 196 -26.72 4.29 17.10
C LEU A 196 -25.66 3.62 16.24
N CYS A 197 -25.02 4.41 15.39
CA CYS A 197 -24.05 3.90 14.47
C CYS A 197 -22.67 4.48 14.83
N VAL A 198 -21.66 3.62 14.95
CA VAL A 198 -20.33 4.03 15.41
C VAL A 198 -19.28 3.05 14.89
N HIS A 199 -18.02 3.49 14.80
CA HIS A 199 -16.99 2.59 14.29
C HIS A 199 -16.78 1.37 15.19
N GLY A 200 -16.40 1.63 16.43
CA GLY A 200 -16.02 0.59 17.37
C GLY A 200 -17.18 0.14 18.23
N GLY A 201 -17.57 0.96 19.21
CA GLY A 201 -18.66 0.58 20.09
C GLY A 201 -18.96 1.49 21.28
N LEU A 202 -19.12 0.90 22.47
CA LEU A 202 -19.58 1.61 23.67
C LEU A 202 -18.46 2.00 24.61
N SER A 203 -18.81 2.80 25.62
CA SER A 203 -17.85 3.24 26.63
C SER A 203 -18.52 3.30 27.99
N PRO A 204 -17.80 2.86 29.04
CA PRO A 204 -18.29 2.91 30.42
C PRO A 204 -18.70 4.33 30.76
N GLU A 205 -18.02 5.27 30.11
CA GLU A 205 -18.25 6.68 30.31
C GLU A 205 -19.33 7.27 29.40
N ILE A 206 -20.17 6.41 28.84
CA ILE A 206 -21.25 6.87 28.00
C ILE A 206 -22.58 6.21 28.38
N ASN A 207 -23.49 7.03 28.90
CA ASN A 207 -24.75 6.54 29.43
C ASN A 207 -25.88 6.94 28.52
N THR A 208 -25.78 8.15 27.98
CA THR A 208 -26.80 8.71 27.13
C THR A 208 -26.19 9.28 25.88
N LEU A 209 -27.03 9.64 24.93
CA LEU A 209 -26.55 10.23 23.71
C LEU A 209 -26.00 11.62 23.98
N ASP A 210 -26.58 12.34 24.93
CA ASP A 210 -26.07 13.66 25.24
C ASP A 210 -24.61 13.59 25.63
N ASP A 211 -24.25 12.50 26.31
CA ASP A 211 -22.88 12.22 26.67
C ASP A 211 -21.98 12.31 25.44
N ILE A 212 -22.45 11.77 24.31
CA ILE A 212 -21.70 11.90 23.04
C ILE A 212 -21.60 13.34 22.54
N ARG A 213 -22.73 14.04 22.54
CA ARG A 213 -22.78 15.42 22.07
C ARG A 213 -21.80 16.30 22.86
N LYS A 214 -21.55 15.95 24.11
CA LYS A 214 -20.76 16.81 24.96
C LYS A 214 -19.23 16.84 24.68
N LEU A 215 -18.70 15.89 23.90
CA LEU A 215 -17.23 15.77 23.64
C LEU A 215 -16.61 16.80 22.68
N ASP A 216 -15.31 17.09 22.86
CA ASP A 216 -14.51 17.84 21.89
C ASP A 216 -13.83 16.82 20.99
N ARG A 217 -14.34 16.62 19.77
CA ARG A 217 -13.84 15.56 18.87
C ARG A 217 -12.62 16.00 18.09
N PHE A 218 -12.37 17.31 18.13
CA PHE A 218 -11.40 17.95 17.28
C PHE A 218 -10.00 17.80 17.82
N LYS A 219 -9.47 16.59 17.66
CA LYS A 219 -8.14 16.25 18.13
C LYS A 219 -7.82 14.82 17.77
N GLU A 220 -6.54 14.48 17.87
CA GLU A 220 -6.06 13.11 17.76
C GLU A 220 -6.68 12.34 18.93
N PRO A 221 -7.23 11.15 18.65
CA PRO A 221 -7.92 10.38 19.70
C PRO A 221 -6.98 9.99 20.81
N PRO A 222 -7.39 10.28 22.07
CA PRO A 222 -6.60 10.01 23.27
C PRO A 222 -6.46 8.51 23.54
N ALA A 223 -5.61 8.16 24.49
CA ALA A 223 -5.28 6.77 24.73
C ALA A 223 -6.26 6.19 25.72
N TYR A 224 -7.06 7.06 26.32
CA TYR A 224 -8.02 6.66 27.33
C TYR A 224 -9.25 7.51 27.23
N GLY A 225 -10.39 6.96 27.60
CA GLY A 225 -11.59 7.77 27.66
C GLY A 225 -12.59 7.49 26.57
N PRO A 226 -13.69 8.22 26.60
CA PRO A 226 -14.89 7.96 25.80
C PRO A 226 -14.64 8.04 24.29
N MET A 227 -13.94 9.09 23.85
CA MET A 227 -13.64 9.24 22.43
C MET A 227 -12.77 8.09 21.96
N CYS A 228 -11.85 7.64 22.80
CA CYS A 228 -11.11 6.43 22.47
C CYS A 228 -12.03 5.23 22.35
N ASP A 229 -12.93 5.06 23.32
CA ASP A 229 -13.77 3.85 23.38
C ASP A 229 -14.71 3.65 22.19
N ILE A 230 -15.22 4.77 21.68
CA ILE A 230 -16.14 4.72 20.57
C ILE A 230 -15.47 4.22 19.32
N LEU A 231 -14.24 4.66 19.11
CA LEU A 231 -13.47 4.23 17.98
C LEU A 231 -12.90 2.83 18.11
N TRP A 232 -12.70 2.36 19.34
CA TRP A 232 -11.88 1.16 19.58
C TRP A 232 -12.58 -0.10 20.14
N SER A 233 -13.68 0.08 20.85
CA SER A 233 -14.40 -1.01 21.47
C SER A 233 -14.80 -2.16 20.55
N ASP A 234 -14.74 -3.36 21.10
CA ASP A 234 -15.27 -4.55 20.44
C ASP A 234 -16.25 -5.15 21.40
N PRO A 235 -17.14 -5.99 20.91
CA PRO A 235 -17.98 -6.82 21.79
C PRO A 235 -17.19 -8.00 22.30
N LEU A 236 -17.71 -8.72 23.29
CA LEU A 236 -17.07 -9.93 23.77
C LEU A 236 -16.95 -10.99 22.70
N GLU A 237 -15.92 -11.82 22.81
CA GLU A 237 -15.78 -12.91 21.86
C GLU A 237 -16.96 -13.87 22.03
N ASP A 238 -17.41 -14.05 23.28
CA ASP A 238 -18.57 -14.87 23.59
C ASP A 238 -19.80 -14.01 23.86
N PHE A 239 -19.96 -12.95 23.08
CA PHE A 239 -21.06 -12.00 23.25
C PHE A 239 -22.43 -12.66 23.18
N GLY A 240 -23.24 -12.48 24.21
CA GLY A 240 -24.60 -12.98 24.17
C GLY A 240 -24.69 -14.24 24.99
N ASN A 241 -23.57 -14.92 25.14
CA ASN A 241 -23.50 -16.14 25.92
C ASN A 241 -22.48 -15.99 27.04
N GLU A 242 -22.32 -14.77 27.53
CA GLU A 242 -21.27 -14.53 28.53
C GLU A 242 -21.68 -15.09 29.86
N LYS A 243 -20.67 -15.52 30.60
CA LYS A 243 -20.90 -16.23 31.83
C LYS A 243 -21.29 -15.28 32.96
N THR A 244 -20.87 -14.02 32.85
CA THR A 244 -21.27 -13.02 33.84
C THR A 244 -22.13 -11.89 33.26
N GLN A 245 -22.82 -11.18 34.13
CA GLN A 245 -23.63 -10.03 33.73
C GLN A 245 -22.78 -8.75 33.77
N GLU A 246 -21.47 -8.92 33.72
CA GLU A 246 -20.49 -7.82 33.69
C GLU A 246 -20.52 -7.05 32.37
N HIS A 247 -20.42 -5.72 32.44
CA HIS A 247 -20.57 -4.88 31.24
C HIS A 247 -19.33 -4.75 30.41
N PHE A 248 -18.39 -3.98 30.93
CA PHE A 248 -17.12 -3.75 30.27
C PHE A 248 -15.99 -4.50 30.95
N THR A 249 -15.12 -5.07 30.14
CA THR A 249 -13.87 -5.71 30.56
C THR A 249 -12.80 -5.12 29.65
N HIS A 250 -11.51 -5.17 30.03
CA HIS A 250 -10.55 -4.48 29.18
C HIS A 250 -10.18 -5.24 27.91
N ASN A 251 -10.09 -4.51 26.81
CA ASN A 251 -9.86 -5.11 25.52
C ASN A 251 -8.42 -5.57 25.36
N THR A 252 -8.25 -6.86 25.58
CA THR A 252 -6.96 -7.48 25.58
C THR A 252 -6.51 -7.79 24.13
N VAL A 253 -7.36 -7.44 23.18
CA VAL A 253 -7.03 -7.68 21.79
C VAL A 253 -6.63 -6.40 21.06
N ARG A 254 -7.24 -5.28 21.43
CA ARG A 254 -6.85 -4.01 20.85
C ARG A 254 -5.70 -3.38 21.64
N GLY A 255 -5.52 -3.84 22.88
CA GLY A 255 -4.51 -3.26 23.75
C GLY A 255 -5.00 -2.03 24.50
N CYS A 256 -6.17 -1.53 24.09
CA CYS A 256 -6.82 -0.42 24.76
C CYS A 256 -8.33 -0.62 24.67
N SER A 257 -9.06 0.22 25.40
CA SER A 257 -10.53 0.24 25.39
C SER A 257 -11.14 -1.06 25.93
N TYR A 258 -12.40 -1.35 25.60
CA TYR A 258 -13.07 -2.48 26.22
C TYR A 258 -13.71 -3.48 25.28
N PHE A 259 -14.04 -4.64 25.85
CA PHE A 259 -15.04 -5.52 25.30
C PHE A 259 -16.31 -5.12 26.01
N TYR A 260 -17.41 -5.05 25.28
CA TYR A 260 -18.70 -4.79 25.91
C TYR A 260 -19.60 -6.00 25.76
N SER A 261 -20.48 -6.18 26.73
CA SER A 261 -21.23 -7.42 26.82
C SER A 261 -22.66 -7.20 26.40
N TYR A 262 -23.33 -8.30 26.11
CA TYR A 262 -24.72 -8.28 25.75
C TYR A 262 -25.57 -7.48 26.73
N PRO A 263 -25.42 -7.72 28.05
CA PRO A 263 -26.10 -6.85 29.02
C PRO A 263 -25.75 -5.35 28.86
N ALA A 264 -24.49 -5.05 28.62
CA ALA A 264 -24.06 -3.67 28.46
C ALA A 264 -24.84 -3.01 27.32
N VAL A 265 -24.87 -3.67 26.18
CA VAL A 265 -25.57 -3.14 25.02
C VAL A 265 -27.07 -3.03 25.32
N CYS A 266 -27.59 -4.02 26.02
CA CYS A 266 -29.02 -4.05 26.28
C CYS A 266 -29.45 -2.95 27.27
N ASP A 267 -28.65 -2.77 28.32
CA ASP A 267 -28.85 -1.66 29.23
C ASP A 267 -28.84 -0.35 28.47
N PHE A 268 -27.83 -0.12 27.66
CA PHE A 268 -27.71 1.15 26.95
C PHE A 268 -28.83 1.40 25.96
N LEU A 269 -29.31 0.31 25.34
CA LEU A 269 -30.35 0.41 24.35
C LEU A 269 -31.68 0.79 24.95
N GLN A 270 -31.97 0.22 26.12
CA GLN A 270 -33.23 0.49 26.78
C GLN A 270 -33.21 1.88 27.37
N HIS A 271 -32.11 2.21 28.02
CA HIS A 271 -31.96 3.47 28.70
C HIS A 271 -32.10 4.61 27.69
N ASN A 272 -31.68 4.39 26.47
CA ASN A 272 -31.79 5.43 25.46
C ASN A 272 -32.90 5.24 24.44
N ASN A 273 -33.75 4.24 24.63
CA ASN A 273 -34.82 3.91 23.66
C ASN A 273 -34.35 3.77 22.23
N LEU A 274 -33.36 2.90 22.04
CA LEU A 274 -32.84 2.56 20.73
C LEU A 274 -33.07 1.09 20.44
N LEU A 275 -33.08 0.76 19.16
CA LEU A 275 -33.35 -0.58 18.68
C LEU A 275 -32.08 -1.44 18.58
N SER A 276 -30.98 -0.84 18.16
CA SER A 276 -29.74 -1.59 18.01
C SER A 276 -28.55 -0.68 17.81
N ILE A 277 -27.36 -1.29 17.74
CA ILE A 277 -26.11 -0.58 17.50
C ILE A 277 -25.45 -1.10 16.27
N LEU A 278 -25.07 -0.21 15.34
CA LEU A 278 -24.41 -0.67 14.13
C LEU A 278 -22.99 -0.23 14.14
N ARG A 279 -22.10 -1.16 13.83
CA ARG A 279 -20.68 -0.87 13.98
C ARG A 279 -19.88 -1.61 12.90
N ALA A 280 -18.61 -1.21 12.76
CA ALA A 280 -17.69 -1.89 11.86
C ALA A 280 -16.58 -2.53 12.68
N HIS A 281 -15.36 -2.20 12.33
CA HIS A 281 -14.21 -2.36 13.20
C HIS A 281 -13.69 -3.78 13.36
N GLU A 282 -14.45 -4.77 12.90
CA GLU A 282 -14.02 -6.16 13.05
C GLU A 282 -14.24 -6.94 11.77
N ALA A 283 -13.17 -7.44 11.19
CA ALA A 283 -13.27 -8.22 9.95
C ALA A 283 -14.23 -9.41 10.10
N GLN A 284 -15.08 -9.57 9.10
CA GLN A 284 -16.12 -10.60 9.05
C GLN A 284 -16.09 -11.39 7.73
N ASP A 285 -16.22 -12.72 7.80
CA ASP A 285 -16.07 -13.55 6.60
C ASP A 285 -17.23 -13.35 5.64
N ALA A 286 -18.44 -13.23 6.20
CA ALA A 286 -19.62 -12.99 5.38
C ALA A 286 -19.89 -11.51 5.22
N GLY A 287 -18.88 -10.69 5.50
CA GLY A 287 -18.98 -9.25 5.37
C GLY A 287 -19.89 -8.60 6.40
N TYR A 288 -20.55 -9.38 7.23
CA TYR A 288 -21.38 -8.83 8.30
C TYR A 288 -21.54 -9.85 9.42
N ARG A 289 -21.93 -9.41 10.61
CA ARG A 289 -22.34 -10.33 11.68
C ARG A 289 -23.49 -9.77 12.49
N MET A 290 -24.53 -10.57 12.63
CA MET A 290 -25.68 -10.13 13.43
C MET A 290 -25.65 -10.81 14.77
N TYR A 291 -25.80 -10.03 15.82
CA TYR A 291 -25.62 -10.61 17.14
C TYR A 291 -26.94 -10.95 17.80
N ARG A 292 -26.87 -11.38 19.05
CA ARG A 292 -28.05 -11.90 19.76
C ARG A 292 -29.25 -10.95 19.71
N LYS A 293 -30.42 -11.49 19.41
CA LYS A 293 -31.63 -10.67 19.37
C LYS A 293 -31.89 -10.11 20.75
N SER A 294 -32.34 -8.86 20.81
CA SER A 294 -32.77 -8.30 22.10
C SER A 294 -34.02 -9.05 22.47
N GLN A 295 -34.12 -9.45 23.73
CA GLN A 295 -35.28 -10.18 24.23
C GLN A 295 -36.60 -9.41 24.07
N THR A 296 -36.51 -8.10 24.21
CA THR A 296 -37.67 -7.21 24.13
C THR A 296 -38.18 -7.01 22.71
N THR A 297 -37.25 -6.63 21.84
CA THR A 297 -37.57 -6.21 20.48
C THR A 297 -37.55 -7.35 19.45
N GLY A 298 -36.90 -8.46 19.81
CA GLY A 298 -36.67 -9.56 18.88
C GLY A 298 -35.84 -9.14 17.68
N PHE A 299 -35.02 -8.11 17.90
CA PHE A 299 -34.16 -7.59 16.87
C PHE A 299 -32.73 -7.63 17.39
N PRO A 300 -31.78 -8.08 16.56
CA PRO A 300 -30.36 -8.16 16.91
C PRO A 300 -29.91 -6.90 17.62
N SER A 301 -29.34 -7.05 18.80
CA SER A 301 -28.94 -5.91 19.59
C SER A 301 -27.78 -5.14 18.99
N LEU A 302 -27.03 -5.84 18.12
CA LEU A 302 -25.78 -5.32 17.62
C LEU A 302 -25.56 -5.87 16.24
N ILE A 303 -25.06 -5.03 15.35
CA ILE A 303 -24.65 -5.51 14.04
C ILE A 303 -23.29 -4.99 13.64
N THR A 304 -22.42 -5.91 13.24
CA THR A 304 -21.14 -5.57 12.63
C THR A 304 -21.27 -5.56 11.11
N ILE A 305 -20.73 -4.52 10.48
CA ILE A 305 -20.70 -4.42 9.02
C ILE A 305 -19.27 -4.15 8.50
N PHE A 306 -18.92 -4.76 7.37
CA PHE A 306 -17.53 -4.82 6.95
C PHE A 306 -17.44 -4.80 5.44
N SER A 307 -16.74 -3.82 4.90
CA SER A 307 -16.90 -3.51 3.50
C SER A 307 -15.60 -3.63 2.73
N ALA A 308 -14.68 -4.43 3.23
CA ALA A 308 -13.43 -4.74 2.52
C ALA A 308 -13.42 -6.23 2.12
N PRO A 309 -13.80 -6.53 0.87
CA PRO A 309 -13.85 -7.97 0.57
C PRO A 309 -12.45 -8.49 0.33
N ASN A 310 -12.27 -9.79 0.57
CA ASN A 310 -10.96 -10.43 0.47
C ASN A 310 -9.93 -9.48 1.06
N TYR A 311 -10.18 -9.09 2.29
CA TYR A 311 -9.38 -8.11 2.97
C TYR A 311 -7.92 -8.53 2.92
N LEU A 312 -7.02 -7.56 2.80
CA LEU A 312 -5.57 -7.84 2.77
C LEU A 312 -5.17 -8.89 1.72
N ASP A 313 -6.09 -9.18 0.81
CA ASP A 313 -5.87 -10.10 -0.30
C ASP A 313 -5.74 -11.57 0.11
N VAL A 314 -6.11 -11.88 1.35
CA VAL A 314 -5.80 -13.17 1.91
C VAL A 314 -6.94 -13.78 2.73
N TYR A 315 -7.85 -12.94 3.21
CA TYR A 315 -8.99 -13.43 3.98
C TYR A 315 -10.02 -14.09 3.12
N ASN A 316 -10.05 -13.73 1.83
CA ASN A 316 -11.02 -14.28 0.90
C ASN A 316 -12.41 -14.21 1.48
N ASN A 317 -12.64 -13.13 2.23
CA ASN A 317 -13.92 -12.88 2.84
C ASN A 317 -14.77 -12.03 1.90
N LYS A 318 -16.08 -12.06 2.13
CA LYS A 318 -16.97 -11.16 1.42
C LYS A 318 -17.02 -9.86 2.21
N ALA A 319 -17.58 -8.84 1.60
CA ALA A 319 -17.86 -7.60 2.29
C ALA A 319 -19.35 -7.42 2.14
N ALA A 320 -19.89 -6.47 2.88
CA ALA A 320 -21.31 -6.23 2.80
C ALA A 320 -21.63 -4.77 3.07
N VAL A 321 -22.86 -4.37 2.76
CA VAL A 321 -23.38 -3.10 3.21
C VAL A 321 -24.78 -3.30 3.69
N LEU A 322 -25.29 -2.31 4.39
CA LEU A 322 -26.61 -2.40 4.93
C LEU A 322 -27.47 -1.41 4.20
N LYS A 323 -28.61 -1.87 3.73
CA LYS A 323 -29.52 -0.97 3.08
C LYS A 323 -30.82 -1.03 3.82
N TYR A 324 -31.09 0.07 4.50
CA TYR A 324 -32.31 0.21 5.26
C TYR A 324 -33.32 0.96 4.43
N GLU A 325 -34.50 0.37 4.28
CA GLU A 325 -35.56 1.02 3.51
C GLU A 325 -36.85 0.25 3.70
N ASN A 326 -37.97 0.95 3.56
CA ASN A 326 -39.30 0.42 3.86
C ASN A 326 -39.29 -0.53 5.02
N ASN A 327 -38.62 -0.15 6.11
CA ASN A 327 -38.66 -0.93 7.34
C ASN A 327 -37.94 -2.26 7.21
N VAL A 328 -37.11 -2.41 6.19
CA VAL A 328 -36.36 -3.65 6.00
C VAL A 328 -34.88 -3.39 6.00
N MET A 329 -34.19 -4.10 6.86
CA MET A 329 -32.75 -4.03 6.90
C MET A 329 -32.10 -5.10 6.01
N ASN A 330 -31.87 -4.75 4.75
CA ASN A 330 -31.32 -5.74 3.82
C ASN A 330 -29.84 -5.61 3.69
N ILE A 331 -29.14 -6.75 3.75
CA ILE A 331 -27.69 -6.81 3.68
C ILE A 331 -27.30 -7.26 2.31
N ARG A 332 -26.63 -6.38 1.57
CA ARG A 332 -26.15 -6.74 0.27
C ARG A 332 -24.70 -7.13 0.44
N GLN A 333 -24.34 -8.33 -0.01
CA GLN A 333 -22.93 -8.74 0.02
C GLN A 333 -22.26 -8.59 -1.33
N PHE A 334 -20.93 -8.66 -1.35
CA PHE A 334 -20.17 -8.60 -2.60
C PHE A 334 -18.72 -9.08 -2.47
N ASN A 335 -18.14 -9.49 -3.60
CA ASN A 335 -16.77 -10.04 -3.64
C ASN A 335 -15.75 -9.02 -4.12
N CYS A 336 -14.49 -9.39 -4.09
CA CYS A 336 -13.42 -8.44 -4.41
C CYS A 336 -13.29 -8.19 -5.90
N SER A 337 -12.63 -7.09 -6.22
CA SER A 337 -12.48 -6.65 -7.59
C SER A 337 -10.98 -6.48 -7.79
N PRO A 338 -10.48 -6.82 -8.98
CA PRO A 338 -9.05 -6.88 -9.23
C PRO A 338 -8.47 -5.49 -9.08
N HIS A 339 -7.18 -5.38 -8.76
CA HIS A 339 -6.59 -4.07 -8.62
C HIS A 339 -5.08 -4.13 -8.86
N PRO A 340 -4.46 -2.97 -9.12
CA PRO A 340 -3.02 -2.85 -9.40
C PRO A 340 -2.12 -3.33 -8.27
N TYR A 341 -0.98 -3.89 -8.66
CA TYR A 341 -0.02 -4.39 -7.72
C TYR A 341 0.87 -3.26 -7.20
N TRP A 342 1.21 -3.30 -5.90
CA TRP A 342 2.23 -2.43 -5.33
C TRP A 342 3.23 -3.24 -4.53
N LEU A 343 4.50 -2.87 -4.63
CA LEU A 343 5.51 -3.44 -3.78
C LEU A 343 5.23 -2.88 -2.42
N PRO A 344 5.43 -3.68 -1.38
CA PRO A 344 5.17 -3.26 0.02
C PRO A 344 5.82 -1.94 0.36
N ASN A 345 5.15 -1.15 1.19
CA ASN A 345 5.60 0.20 1.57
C ASN A 345 5.95 1.04 0.34
N PHE A 346 5.27 0.72 -0.76
CA PHE A 346 5.36 1.47 -2.02
C PHE A 346 6.76 1.56 -2.54
N MET A 347 7.48 0.47 -2.43
CA MET A 347 8.84 0.43 -2.90
C MET A 347 8.85 0.45 -4.42
N ASP A 348 9.89 1.05 -4.99
CA ASP A 348 10.13 0.98 -6.42
C ASP A 348 10.98 -0.24 -6.74
N VAL A 349 10.99 -0.63 -8.00
CA VAL A 349 11.59 -1.89 -8.40
C VAL A 349 13.09 -1.85 -8.16
N PHE A 350 13.65 -0.65 -8.13
CA PHE A 350 15.09 -0.48 -7.99
C PHE A 350 15.52 -0.77 -6.57
N THR A 351 14.93 -0.05 -5.63
CA THR A 351 15.23 -0.19 -4.22
C THR A 351 15.00 -1.63 -3.77
N TRP A 352 14.02 -2.27 -4.40
CA TRP A 352 13.68 -3.66 -4.14
C TRP A 352 14.72 -4.62 -4.69
N SER A 353 15.14 -4.40 -5.92
CA SER A 353 15.96 -5.39 -6.62
C SER A 353 17.46 -5.20 -6.39
N LEU A 354 17.86 -3.94 -6.30
CA LEU A 354 19.28 -3.59 -6.23
C LEU A 354 20.15 -4.39 -5.25
N PRO A 355 19.73 -4.48 -3.98
CA PRO A 355 20.65 -5.17 -3.08
C PRO A 355 20.78 -6.63 -3.47
N PHE A 356 19.70 -7.19 -4.03
CA PHE A 356 19.76 -8.56 -4.53
C PHE A 356 20.82 -8.66 -5.62
N VAL A 357 20.92 -7.61 -6.41
CA VAL A 357 21.94 -7.53 -7.46
C VAL A 357 23.34 -7.50 -6.88
N GLY A 358 23.58 -6.52 -6.02
CA GLY A 358 24.84 -6.42 -5.31
C GLY A 358 25.27 -7.76 -4.77
N GLU A 359 24.39 -8.44 -4.03
CA GLU A 359 24.73 -9.74 -3.50
C GLU A 359 25.07 -10.68 -4.63
N LYS A 360 24.20 -10.71 -5.62
CA LYS A 360 24.30 -11.77 -6.61
C LYS A 360 25.52 -11.66 -7.52
N VAL A 361 25.91 -10.44 -7.89
CA VAL A 361 27.14 -10.32 -8.68
C VAL A 361 28.36 -10.51 -7.81
N THR A 362 28.31 -9.99 -6.60
CA THR A 362 29.41 -10.19 -5.68
C THR A 362 29.59 -11.68 -5.49
N GLU A 363 28.49 -12.36 -5.18
CA GLU A 363 28.49 -13.81 -5.04
C GLU A 363 29.21 -14.43 -6.23
N MET A 364 28.83 -14.00 -7.42
CA MET A 364 29.42 -14.53 -8.62
C MET A 364 30.93 -14.34 -8.63
N LEU A 365 31.38 -13.11 -8.40
CA LEU A 365 32.81 -12.82 -8.52
C LEU A 365 33.67 -13.50 -7.48
N VAL A 366 33.14 -13.62 -6.27
CA VAL A 366 33.87 -14.31 -5.24
C VAL A 366 34.09 -15.74 -5.71
N ASN A 367 33.02 -16.35 -6.21
CA ASN A 367 33.07 -17.71 -6.75
C ASN A 367 34.13 -17.84 -7.82
N VAL A 368 34.11 -16.92 -8.77
CA VAL A 368 35.11 -16.90 -9.84
C VAL A 368 36.53 -16.78 -9.32
N LEU A 369 36.72 -16.03 -8.24
CA LEU A 369 38.08 -15.81 -7.74
C LEU A 369 38.60 -16.92 -6.85
N ASN A 370 37.73 -17.86 -6.51
CA ASN A 370 38.18 -19.00 -5.71
C ASN A 370 38.44 -20.20 -6.58
N ILE A 371 38.46 -19.97 -7.89
CA ILE A 371 38.89 -21.02 -8.81
C ILE A 371 40.32 -21.44 -8.45
N CYS A 372 41.11 -20.48 -7.96
CA CYS A 372 42.45 -20.75 -7.45
C CYS A 372 42.50 -20.49 -5.94
N SER A 373 43.39 -21.20 -5.25
CA SER A 373 43.46 -21.16 -3.80
C SER A 373 44.71 -20.41 -3.31
N SER A 459 -7.63 -18.63 3.77
CA SER A 459 -8.54 -19.04 4.84
C SER A 459 -8.83 -17.91 5.82
N PHE A 460 -10.11 -17.66 6.12
CA PHE A 460 -10.50 -16.56 7.03
C PHE A 460 -9.91 -16.67 8.44
N GLU A 461 -10.26 -17.73 9.17
CA GLU A 461 -9.81 -17.86 10.56
C GLU A 461 -8.28 -17.96 10.67
N GLU A 462 -7.66 -18.60 9.68
CA GLU A 462 -6.19 -18.62 9.53
C GLU A 462 -5.62 -17.19 9.48
N ALA A 463 -6.10 -16.42 8.51
CA ALA A 463 -5.71 -15.04 8.33
C ALA A 463 -6.06 -14.18 9.56
N LYS A 464 -7.23 -14.44 10.17
CA LYS A 464 -7.64 -13.74 11.39
C LYS A 464 -6.60 -13.91 12.51
N GLY A 465 -6.11 -15.13 12.68
CA GLY A 465 -5.11 -15.42 13.68
C GLY A 465 -3.76 -14.76 13.46
N LEU A 466 -3.33 -14.67 12.20
CA LEU A 466 -2.03 -14.08 11.83
C LEU A 466 -1.95 -12.54 11.97
N ASP A 467 -3.10 -11.88 12.15
CA ASP A 467 -3.19 -10.40 12.14
C ASP A 467 -3.57 -9.78 13.51
N ARG A 468 -3.45 -10.52 14.61
CA ARG A 468 -3.88 -9.99 15.91
C ARG A 468 -3.07 -8.80 16.44
N ILE A 469 -1.75 -8.81 16.22
CA ILE A 469 -0.90 -7.67 16.60
C ILE A 469 -1.29 -6.38 15.85
N ASN A 470 -1.68 -6.52 14.58
CA ASN A 470 -2.09 -5.39 13.76
C ASN A 470 -3.52 -4.84 14.05
N GLU A 471 -4.38 -5.65 14.67
CA GLU A 471 -5.67 -5.16 15.19
C GLU A 471 -5.40 -4.26 16.40
N ARG A 472 -4.45 -4.72 17.23
CA ARG A 472 -3.97 -4.03 18.44
C ARG A 472 -3.31 -2.66 18.14
N MET A 473 -3.17 -1.85 19.19
CA MET A 473 -2.56 -0.53 19.16
C MET A 473 -1.04 -0.53 18.92
N PRO A 474 -0.56 0.28 17.97
CA PRO A 474 0.86 0.67 17.86
C PRO A 474 1.38 1.23 19.20
N PRO A 475 2.69 1.09 19.48
CA PRO A 475 3.29 1.57 20.73
C PRO A 475 3.02 3.04 21.08
N SER B 6 52.33 -11.80 -29.24
CA SER B 6 53.24 -11.60 -28.11
C SER B 6 53.53 -10.13 -27.90
N TYR B 7 52.63 -9.27 -28.38
CA TYR B 7 52.70 -7.84 -28.10
C TYR B 7 52.16 -7.59 -26.70
N PRO B 8 52.42 -6.39 -26.15
CA PRO B 8 51.87 -6.12 -24.82
C PRO B 8 50.44 -5.65 -24.92
N LEU B 9 49.78 -5.56 -23.77
CA LEU B 9 48.34 -5.46 -23.70
C LEU B 9 47.94 -4.24 -22.91
N GLU B 10 47.06 -3.44 -23.50
CA GLU B 10 46.61 -2.21 -22.87
C GLU B 10 45.36 -2.45 -22.03
N MET B 11 45.25 -1.78 -20.90
CA MET B 11 44.03 -1.82 -20.11
C MET B 11 44.02 -0.72 -19.08
N CYS B 12 42.85 -0.49 -18.51
CA CYS B 12 42.69 0.52 -17.51
C CYS B 12 42.07 -0.15 -16.30
N SER B 13 42.68 0.02 -15.12
CA SER B 13 42.21 -0.71 -13.92
C SER B 13 42.92 -0.24 -12.66
N HIS B 14 42.45 -0.72 -11.50
CA HIS B 14 42.97 -0.29 -10.22
C HIS B 14 44.09 -1.18 -9.69
N PHE B 15 44.51 -2.14 -10.49
CA PHE B 15 45.40 -3.19 -10.01
C PHE B 15 46.86 -2.92 -10.29
N ASP B 16 47.73 -3.48 -9.47
CA ASP B 16 49.13 -3.38 -9.79
C ASP B 16 49.60 -4.69 -10.39
N ALA B 17 50.89 -4.76 -10.68
CA ALA B 17 51.45 -5.87 -11.44
C ALA B 17 51.10 -7.18 -10.80
N ASP B 18 51.17 -7.21 -9.47
CA ASP B 18 50.89 -8.39 -8.69
C ASP B 18 49.46 -8.87 -8.86
N GLU B 19 48.50 -8.00 -8.53
CA GLU B 19 47.10 -8.36 -8.56
C GLU B 19 46.73 -8.77 -9.95
N ILE B 20 47.29 -8.07 -10.92
CA ILE B 20 47.07 -8.46 -12.30
C ILE B 20 47.64 -9.87 -12.60
N LYS B 21 48.84 -10.15 -12.10
CA LYS B 21 49.46 -11.46 -12.32
C LYS B 21 48.62 -12.56 -11.70
N ARG B 22 48.08 -12.28 -10.51
CA ARG B 22 47.23 -13.22 -9.77
C ARG B 22 45.95 -13.52 -10.53
N LEU B 23 45.32 -12.45 -11.00
CA LEU B 23 44.14 -12.56 -11.83
C LEU B 23 44.41 -13.34 -13.10
N GLY B 24 45.62 -13.25 -13.62
CA GLY B 24 45.98 -13.96 -14.83
C GLY B 24 46.04 -15.46 -14.62
N LYS B 25 46.50 -15.89 -13.46
CA LYS B 25 46.48 -17.31 -13.14
C LYS B 25 45.02 -17.80 -13.07
N ARG B 26 44.16 -17.05 -12.38
CA ARG B 26 42.75 -17.40 -12.30
C ARG B 26 42.11 -17.42 -13.68
N PHE B 27 42.53 -16.54 -14.58
CA PHE B 27 41.99 -16.52 -15.94
C PHE B 27 42.39 -17.76 -16.73
N LYS B 28 43.67 -18.14 -16.64
CA LYS B 28 44.16 -19.30 -17.36
C LYS B 28 43.44 -20.57 -16.93
N LYS B 29 43.20 -20.68 -15.62
CA LYS B 29 42.54 -21.84 -15.05
C LYS B 29 41.15 -22.02 -15.65
N LEU B 30 40.45 -20.91 -15.83
CA LEU B 30 39.11 -20.93 -16.38
C LEU B 30 39.07 -21.16 -17.90
N ASP B 31 40.11 -20.73 -18.60
CA ASP B 31 40.18 -20.92 -20.03
C ASP B 31 40.58 -22.36 -20.31
N LEU B 32 39.59 -23.20 -20.52
CA LEU B 32 39.79 -24.64 -20.69
C LEU B 32 40.38 -24.88 -22.05
N ASP B 33 39.64 -24.50 -23.09
CA ASP B 33 40.11 -24.64 -24.47
C ASP B 33 41.40 -23.83 -24.72
N ASN B 34 41.80 -23.03 -23.73
CA ASN B 34 42.99 -22.19 -23.81
C ASN B 34 42.94 -21.30 -25.05
N SER B 35 41.74 -20.82 -25.39
CA SER B 35 41.57 -19.99 -26.58
C SER B 35 42.04 -18.56 -26.35
N GLY B 36 42.11 -18.16 -25.08
CA GLY B 36 42.52 -16.82 -24.72
C GLY B 36 41.37 -15.86 -24.48
N SER B 37 40.15 -16.39 -24.39
CA SER B 37 38.98 -15.54 -24.18
C SER B 37 37.82 -16.39 -23.74
N LEU B 38 37.34 -16.15 -22.53
CA LEU B 38 36.32 -16.99 -21.88
C LEU B 38 34.91 -17.02 -22.51
N SER B 39 34.48 -18.22 -22.87
CA SER B 39 33.12 -18.41 -23.35
C SER B 39 32.17 -18.55 -22.18
N VAL B 40 30.89 -18.32 -22.44
CA VAL B 40 29.83 -18.53 -21.46
C VAL B 40 29.76 -19.99 -20.97
N GLU B 41 30.06 -20.93 -21.86
CA GLU B 41 30.03 -22.34 -21.51
C GLU B 41 31.06 -22.58 -20.42
N GLU B 42 32.24 -21.97 -20.60
CA GLU B 42 33.33 -22.11 -19.66
C GLU B 42 32.97 -21.48 -18.32
N PHE B 43 32.35 -20.31 -18.34
CA PHE B 43 31.87 -19.70 -17.11
C PHE B 43 30.92 -20.61 -16.37
N MET B 44 29.93 -21.12 -17.10
CA MET B 44 28.86 -21.88 -16.50
C MET B 44 29.33 -23.24 -16.01
N SER B 45 30.57 -23.56 -16.33
CA SER B 45 31.19 -24.77 -15.82
C SER B 45 31.28 -24.72 -14.31
N LEU B 46 31.18 -23.51 -13.75
CA LEU B 46 31.26 -23.36 -12.32
C LEU B 46 29.98 -23.80 -11.66
N PRO B 47 30.11 -24.64 -10.63
CA PRO B 47 28.95 -25.21 -9.95
C PRO B 47 28.08 -24.10 -9.37
N GLU B 48 28.69 -23.19 -8.61
CA GLU B 48 27.93 -22.14 -7.95
C GLU B 48 27.22 -21.22 -8.94
N LEU B 49 27.85 -21.02 -10.09
CA LEU B 49 27.39 -20.03 -11.07
C LEU B 49 26.03 -20.28 -11.74
N GLN B 50 25.70 -21.53 -12.00
CA GLN B 50 24.48 -21.85 -12.73
C GLN B 50 23.22 -21.50 -11.93
N GLN B 51 23.35 -21.45 -10.61
CA GLN B 51 22.29 -21.09 -9.68
C GLN B 51 22.05 -19.57 -9.63
N ASN B 52 22.46 -18.87 -10.67
CA ASN B 52 22.54 -17.40 -10.58
C ASN B 52 22.01 -16.75 -11.84
N PRO B 53 20.92 -15.96 -11.69
CA PRO B 53 20.20 -15.37 -12.82
C PRO B 53 20.91 -14.16 -13.41
N LEU B 54 21.90 -13.64 -12.70
CA LEU B 54 22.56 -12.44 -13.16
C LEU B 54 23.82 -12.71 -13.95
N VAL B 55 24.19 -13.98 -14.07
CA VAL B 55 25.47 -14.34 -14.64
C VAL B 55 25.67 -13.82 -16.06
N GLN B 56 24.69 -14.00 -16.92
CA GLN B 56 24.92 -13.63 -18.30
C GLN B 56 24.87 -12.12 -18.47
N ARG B 57 24.15 -11.45 -17.59
CA ARG B 57 24.20 -10.00 -17.55
C ARG B 57 25.65 -9.58 -17.35
N VAL B 58 26.26 -10.05 -16.27
CA VAL B 58 27.66 -9.74 -15.95
C VAL B 58 28.56 -10.01 -17.13
N ILE B 59 28.51 -11.24 -17.59
CA ILE B 59 29.20 -11.62 -18.82
C ILE B 59 28.92 -10.63 -19.97
N ASP B 60 27.64 -10.30 -20.19
CA ASP B 60 27.32 -9.38 -21.29
C ASP B 60 27.88 -7.98 -21.04
N ILE B 61 27.93 -7.59 -19.78
CA ILE B 61 28.50 -6.31 -19.38
C ILE B 61 30.01 -6.30 -19.56
N PHE B 62 30.64 -7.39 -19.10
CA PHE B 62 32.08 -7.58 -19.22
C PHE B 62 32.54 -7.57 -20.67
N ASP B 63 31.79 -8.25 -21.54
CA ASP B 63 32.08 -8.40 -22.95
C ASP B 63 31.97 -7.05 -23.62
N THR B 64 32.97 -6.20 -23.39
CA THR B 64 32.95 -4.84 -23.87
C THR B 64 32.84 -4.83 -25.38
N ASP B 65 33.64 -5.64 -26.07
CA ASP B 65 33.64 -5.59 -27.53
C ASP B 65 32.35 -6.20 -28.11
N GLY B 66 31.63 -6.93 -27.27
CA GLY B 66 30.39 -7.57 -27.68
C GLY B 66 30.63 -8.66 -28.69
N ASN B 67 31.64 -9.49 -28.46
CA ASN B 67 31.86 -10.60 -29.38
C ASN B 67 31.28 -11.90 -28.85
N GLY B 68 30.88 -11.87 -27.59
CA GLY B 68 30.27 -13.04 -26.99
C GLY B 68 31.19 -13.83 -26.09
N GLU B 69 32.49 -13.54 -26.12
CA GLU B 69 33.38 -14.11 -25.11
C GLU B 69 33.93 -13.02 -24.19
N VAL B 70 35.01 -13.28 -23.48
CA VAL B 70 35.59 -12.26 -22.59
C VAL B 70 37.10 -12.42 -22.58
N ASP B 71 37.77 -11.59 -23.36
CA ASP B 71 39.21 -11.62 -23.36
C ASP B 71 39.74 -11.03 -22.04
N PHE B 72 40.95 -11.43 -21.70
CA PHE B 72 41.66 -11.00 -20.49
C PHE B 72 41.63 -9.50 -20.17
N LYS B 73 41.79 -8.62 -21.16
CA LYS B 73 41.61 -7.19 -20.91
C LYS B 73 40.22 -6.90 -20.33
N GLU B 74 39.18 -7.42 -20.97
CA GLU B 74 37.84 -7.15 -20.51
C GLU B 74 37.63 -7.82 -19.18
N PHE B 75 38.33 -8.91 -18.96
CA PHE B 75 38.22 -9.61 -17.71
C PHE B 75 38.70 -8.74 -16.57
N ILE B 76 39.90 -8.18 -16.72
CA ILE B 76 40.50 -7.31 -15.71
C ILE B 76 39.68 -6.03 -15.46
N GLU B 77 39.33 -5.33 -16.54
CA GLU B 77 38.63 -4.08 -16.41
C GLU B 77 37.27 -4.35 -15.80
N GLY B 78 36.74 -5.55 -16.08
CA GLY B 78 35.44 -5.94 -15.60
C GLY B 78 35.47 -6.15 -14.10
N VAL B 79 36.51 -6.80 -13.62
CA VAL B 79 36.68 -7.00 -12.19
C VAL B 79 36.99 -5.68 -11.50
N SER B 80 37.88 -4.90 -12.10
CA SER B 80 38.34 -3.63 -11.54
C SER B 80 37.20 -2.78 -10.98
N GLN B 81 36.02 -2.96 -11.55
CA GLN B 81 34.81 -2.32 -11.10
C GLN B 81 34.56 -2.53 -9.61
N PHE B 82 34.97 -3.70 -9.11
CA PHE B 82 34.65 -4.15 -7.76
C PHE B 82 35.79 -3.95 -6.77
N SER B 83 36.94 -3.56 -7.30
CA SER B 83 38.09 -3.18 -6.50
C SER B 83 37.73 -2.27 -5.33
N VAL B 84 38.30 -2.57 -4.17
CA VAL B 84 38.11 -1.74 -2.98
C VAL B 84 38.54 -0.28 -3.25
N LYS B 85 39.43 -0.10 -4.23
CA LYS B 85 39.96 1.21 -4.59
C LYS B 85 38.99 2.01 -5.48
N GLY B 86 38.05 1.31 -6.11
CA GLY B 86 37.03 1.94 -6.93
C GLY B 86 36.10 2.82 -6.13
N ASP B 87 35.48 3.79 -6.80
CA ASP B 87 34.64 4.74 -6.09
C ASP B 87 33.17 4.44 -6.22
N LYS B 88 32.35 5.26 -5.57
CA LYS B 88 30.91 5.06 -5.54
C LYS B 88 30.31 5.01 -6.94
N GLU B 89 30.55 6.05 -7.73
CA GLU B 89 29.97 6.17 -9.05
C GLU B 89 30.28 5.00 -9.95
N GLN B 90 31.55 4.60 -9.99
CA GLN B 90 31.99 3.46 -10.80
C GLN B 90 31.14 2.22 -10.49
N LYS B 91 30.94 1.91 -9.23
CA LYS B 91 30.14 0.76 -8.85
C LYS B 91 28.66 0.94 -9.25
N LEU B 92 28.13 2.14 -9.06
CA LEU B 92 26.75 2.43 -9.42
C LEU B 92 26.57 2.34 -10.91
N ARG B 93 27.57 2.83 -11.64
CA ARG B 93 27.49 2.89 -13.08
C ARG B 93 27.38 1.45 -13.54
N PHE B 94 28.07 0.57 -12.83
CA PHE B 94 28.04 -0.84 -13.19
C PHE B 94 26.63 -1.36 -13.04
N ALA B 95 26.09 -1.25 -11.82
CA ALA B 95 24.70 -1.60 -11.55
C ALA B 95 23.74 -1.15 -12.64
N PHE B 96 23.72 0.14 -12.91
CA PHE B 96 22.96 0.70 -14.04
C PHE B 96 23.04 -0.20 -15.28
N ARG B 97 24.26 -0.56 -15.65
CA ARG B 97 24.48 -1.35 -16.85
C ARG B 97 23.91 -2.76 -16.76
N ILE B 98 23.52 -3.17 -15.56
CA ILE B 98 22.83 -4.45 -15.42
C ILE B 98 21.47 -4.33 -16.09
N TYR B 99 20.83 -3.21 -15.85
CA TYR B 99 19.49 -2.97 -16.35
C TYR B 99 19.52 -2.45 -17.80
N ASP B 100 20.53 -1.66 -18.14
CA ASP B 100 20.67 -1.13 -19.49
C ASP B 100 21.21 -2.19 -20.46
N MET B 101 20.33 -3.04 -20.96
CA MET B 101 20.74 -4.15 -21.81
C MET B 101 21.32 -3.78 -23.19
N ASP B 102 20.78 -2.75 -23.84
CA ASP B 102 21.38 -2.40 -25.12
C ASP B 102 22.59 -1.45 -24.98
N LYS B 103 22.94 -1.15 -23.74
CA LYS B 103 24.06 -0.27 -23.43
C LYS B 103 23.90 1.13 -24.02
N ASP B 104 22.70 1.49 -24.46
CA ASP B 104 22.47 2.84 -25.02
C ASP B 104 22.54 3.96 -23.97
N GLY B 105 22.64 3.58 -22.69
CA GLY B 105 22.84 4.55 -21.64
C GLY B 105 21.58 4.96 -20.91
N TYR B 106 20.46 4.37 -21.32
CA TYR B 106 19.20 4.59 -20.62
C TYR B 106 18.59 3.26 -20.32
N ILE B 107 17.80 3.19 -19.26
CA ILE B 107 17.07 1.96 -18.99
C ILE B 107 15.66 2.13 -19.50
N SER B 108 15.30 1.37 -20.51
CA SER B 108 13.96 1.44 -21.06
C SER B 108 12.99 0.60 -20.21
N ASN B 109 11.71 0.71 -20.55
CA ASN B 109 10.64 0.01 -19.85
C ASN B 109 10.74 -1.48 -20.03
N GLY B 110 10.75 -1.92 -21.28
CA GLY B 110 10.77 -3.34 -21.59
C GLY B 110 12.01 -3.97 -21.03
N GLU B 111 13.10 -3.20 -21.03
CA GLU B 111 14.36 -3.67 -20.50
C GLU B 111 14.27 -3.94 -19.01
N LEU B 112 13.73 -2.96 -18.29
CA LEU B 112 13.62 -3.06 -16.85
C LEU B 112 12.76 -4.27 -16.50
N PHE B 113 11.72 -4.48 -17.29
CA PHE B 113 10.85 -5.64 -17.11
C PHE B 113 11.64 -6.94 -17.24
N GLN B 114 12.26 -7.15 -18.39
CA GLN B 114 12.93 -8.40 -18.70
C GLN B 114 13.97 -8.75 -17.65
N VAL B 115 14.76 -7.75 -17.25
CA VAL B 115 15.81 -7.97 -16.28
C VAL B 115 15.24 -8.41 -14.93
N LEU B 116 14.23 -7.68 -14.46
CA LEU B 116 13.53 -8.06 -13.24
C LEU B 116 12.95 -9.45 -13.34
N LYS B 117 12.34 -9.74 -14.49
CA LYS B 117 11.75 -11.04 -14.73
C LYS B 117 12.79 -12.13 -14.54
N MET B 118 14.05 -11.84 -14.91
CA MET B 118 15.10 -12.83 -14.72
C MET B 118 15.30 -13.14 -13.26
N MET B 119 14.94 -12.21 -12.39
CA MET B 119 15.26 -12.38 -10.98
C MET B 119 14.13 -12.89 -10.11
N VAL B 120 12.90 -12.60 -10.51
CA VAL B 120 11.74 -12.96 -9.72
C VAL B 120 11.07 -14.21 -10.30
N GLY B 121 11.13 -14.36 -11.62
CA GLY B 121 10.63 -15.55 -12.28
C GLY B 121 9.15 -15.70 -12.06
N ASN B 122 8.76 -16.79 -11.42
CA ASN B 122 7.35 -17.08 -11.27
C ASN B 122 6.74 -16.61 -9.97
N ASN B 123 7.53 -15.93 -9.15
CA ASN B 123 7.00 -15.34 -7.92
C ASN B 123 6.11 -14.13 -8.20
N LEU B 124 5.94 -13.80 -9.48
CA LEU B 124 5.09 -12.70 -9.87
C LEU B 124 4.36 -12.97 -11.19
N LYS B 125 3.10 -12.58 -11.24
CA LYS B 125 2.39 -12.58 -12.51
C LYS B 125 2.97 -11.47 -13.37
N ASP B 126 2.93 -11.65 -14.68
CA ASP B 126 3.58 -10.71 -15.57
C ASP B 126 2.90 -9.37 -15.53
N THR B 127 1.60 -9.37 -15.28
CA THR B 127 0.87 -8.13 -15.21
C THR B 127 1.31 -7.34 -13.97
N GLN B 128 1.45 -8.03 -12.83
CA GLN B 128 1.88 -7.38 -11.61
C GLN B 128 3.23 -6.71 -11.81
N LEU B 129 4.20 -7.51 -12.24
CA LEU B 129 5.54 -7.02 -12.53
C LEU B 129 5.50 -5.80 -13.44
N GLN B 130 4.72 -5.89 -14.50
CA GLN B 130 4.60 -4.79 -15.43
C GLN B 130 4.17 -3.52 -14.73
N GLN B 131 3.27 -3.64 -13.77
CA GLN B 131 2.71 -2.45 -13.12
C GLN B 131 3.73 -1.73 -12.24
N ILE B 132 4.35 -2.45 -11.32
CA ILE B 132 5.40 -1.85 -10.51
C ILE B 132 6.53 -1.31 -11.38
N VAL B 133 6.86 -2.03 -12.44
CA VAL B 133 7.81 -1.55 -13.44
C VAL B 133 7.35 -0.21 -14.02
N ASP B 134 6.06 -0.09 -14.32
CA ASP B 134 5.55 1.15 -14.89
C ASP B 134 5.66 2.28 -13.92
N LYS B 135 5.09 2.08 -12.74
CA LYS B 135 5.02 3.13 -11.74
C LYS B 135 6.41 3.58 -11.31
N THR B 136 7.37 2.67 -11.33
CA THR B 136 8.72 3.00 -10.93
C THR B 136 9.25 4.10 -11.82
N ILE B 137 9.12 3.87 -13.12
CA ILE B 137 9.59 4.81 -14.13
C ILE B 137 8.90 6.16 -14.03
N ILE B 138 7.57 6.13 -13.96
CA ILE B 138 6.77 7.33 -13.81
C ILE B 138 7.32 8.19 -12.68
N ASN B 139 7.71 7.54 -11.60
CA ASN B 139 8.18 8.27 -10.44
C ASN B 139 9.65 8.61 -10.44
N ALA B 140 10.38 8.13 -11.43
CA ALA B 140 11.82 8.35 -11.43
C ALA B 140 12.30 9.05 -12.69
N ASP B 141 11.46 9.04 -13.72
CA ASP B 141 11.72 9.67 -14.99
C ASP B 141 11.50 11.15 -14.82
N LYS B 142 12.46 11.83 -14.19
CA LYS B 142 12.30 13.24 -13.91
C LYS B 142 12.25 14.06 -15.20
N ASP B 143 12.78 13.52 -16.29
CA ASP B 143 12.84 14.31 -17.53
C ASP B 143 11.68 14.07 -18.53
N GLY B 144 10.76 13.17 -18.19
CA GLY B 144 9.64 12.89 -19.06
C GLY B 144 9.90 12.10 -20.34
N ASP B 145 11.10 11.55 -20.53
CA ASP B 145 11.36 10.81 -21.77
C ASP B 145 10.73 9.40 -21.84
N GLY B 146 10.40 8.83 -20.68
CA GLY B 146 9.84 7.49 -20.62
C GLY B 146 10.85 6.36 -20.37
N ARG B 147 12.12 6.71 -20.21
CA ARG B 147 13.14 5.72 -19.84
C ARG B 147 13.92 6.30 -18.68
N ILE B 148 15.06 5.71 -18.33
CA ILE B 148 15.81 6.24 -17.19
C ILE B 148 17.29 6.55 -17.48
N SER B 149 17.64 7.81 -17.33
CA SER B 149 19.02 8.24 -17.44
C SER B 149 19.81 7.70 -16.26
N PHE B 150 21.13 7.75 -16.33
CA PHE B 150 21.94 7.32 -15.20
C PHE B 150 21.80 8.32 -14.04
N GLU B 151 21.65 9.59 -14.39
CA GLU B 151 21.52 10.65 -13.41
C GLU B 151 20.30 10.38 -12.55
N GLU B 152 19.20 10.03 -13.21
CA GLU B 152 17.93 9.75 -12.54
C GLU B 152 17.96 8.46 -11.77
N PHE B 153 18.63 7.48 -12.34
CA PHE B 153 18.89 6.26 -11.62
C PHE B 153 19.50 6.55 -10.26
N CYS B 154 20.62 7.25 -10.25
CA CYS B 154 21.34 7.53 -9.01
C CYS B 154 20.49 8.31 -8.03
N ALA B 155 19.55 9.08 -8.57
CA ALA B 155 18.66 9.88 -7.74
C ALA B 155 17.90 8.98 -6.79
N VAL B 156 17.53 7.80 -7.27
CA VAL B 156 16.76 6.89 -6.44
C VAL B 156 17.62 6.18 -5.40
N VAL B 157 18.82 5.74 -5.79
CA VAL B 157 19.51 4.74 -4.99
C VAL B 157 20.78 5.18 -4.25
N GLY B 158 21.22 6.43 -4.46
CA GLY B 158 22.45 6.92 -3.88
C GLY B 158 22.55 6.68 -2.39
N GLY B 159 21.41 6.84 -1.71
CA GLY B 159 21.38 6.78 -0.27
C GLY B 159 21.46 5.39 0.29
N LEU B 160 21.48 4.40 -0.59
CA LEU B 160 21.36 3.02 -0.20
C LEU B 160 22.70 2.37 0.12
N ASP B 161 23.78 2.97 -0.39
CA ASP B 161 25.13 2.48 -0.12
C ASP B 161 25.30 0.99 -0.39
N ILE B 162 24.68 0.51 -1.46
CA ILE B 162 24.79 -0.89 -1.84
C ILE B 162 26.14 -1.06 -2.50
N HIS B 163 26.66 0.06 -3.00
CA HIS B 163 27.99 0.11 -3.60
C HIS B 163 29.06 -0.31 -2.61
N LYS B 164 28.81 -0.08 -1.32
CA LYS B 164 29.74 -0.51 -0.30
C LYS B 164 29.77 -2.02 -0.21
N LYS B 165 28.72 -2.66 -0.71
CA LYS B 165 28.63 -4.11 -0.67
C LYS B 165 29.27 -4.76 -1.90
N MET B 166 29.53 -3.94 -2.92
CA MET B 166 30.12 -4.43 -4.17
C MET B 166 31.63 -4.30 -4.20
N VAL B 167 32.30 -5.16 -3.43
CA VAL B 167 33.74 -5.08 -3.25
C VAL B 167 34.28 -6.49 -3.21
N VAL B 168 35.44 -6.73 -3.81
CA VAL B 168 36.07 -8.03 -3.72
C VAL B 168 37.55 -7.89 -3.37
N ASP B 169 38.08 -8.89 -2.69
CA ASP B 169 39.50 -8.86 -2.37
C ASP B 169 40.25 -9.79 -3.26
N VAL B 170 41.27 -9.24 -3.89
CA VAL B 170 41.89 -9.87 -5.05
C VAL B 170 43.26 -10.49 -4.71
ZN ZN C . -11.21 -0.54 12.79
FE FE D . -10.27 -2.31 11.15
CA CA E . 34.91 -10.29 -25.78
CA CA F . 18.31 0.69 -23.16
CA CA G . 14.43 9.85 -18.18
CA CA H . 37.55 -19.92 -24.16
#